data_9O0F
#
_entry.id   9O0F
#
_cell.length_a   1.00
_cell.length_b   1.00
_cell.length_c   1.00
_cell.angle_alpha   90.00
_cell.angle_beta   90.00
_cell.angle_gamma   90.00
#
_symmetry.space_group_name_H-M   'P 1'
#
_entity_poly.entity_id   1
_entity_poly.type   'polypeptide(L)'
_entity_poly.pdbx_seq_one_letter_code
;DGVGSSSGNWHCDSQWLGDRVITTSTRTWALPTYNNHLYKQISNSTSGGSSNDNAYFGYSTPWGYFDFNRFHCHFSPRDW
QRLINNNWGFRPKRLNFKLFNIQVKEVTDNNGVKTIANNLTSTVQVFTDSDYQLPYVLGSAHEGCLPPFPADVFMIPQYG
YLTLNDGSQAVGRSSFYCLEYFPSQMLRTGNNFQFSYEFENVPFHSSYAHSQSLDRLMNPLIDQYLYYLSKTINGSVQVG
RTSGQNQQTLKFSVAGPSNMAVQGRNYIPGPSYRQQRVSTTVTQNNNSEFAWPGASSWALNGRNSLMNPGPAMASHKEGE
DRFFPLSGSLIFGKQGTGRDNVDADKVMITNEEEIKTTNPVATESYGQVATNHQSAQAQAQTGWVQNQGILPGMVWQDRD
VYLQGPIWAKIPHTDGNFHPSPLMGGFGMKHPPPQILIKNTPVPADPPTAFNKDKLNSFITQYSTGQVSVEIEWELQKEN
SKRWNPEIQYTSNYYKSNNVEFAVNTEGVYSEPRPIGTRYLTRNL
;
_entity_poly.pdbx_strand_id   A
#
# COMPACT_ATOMS: atom_id res chain seq x y z
N ASP A 1 5.19 32.71 18.08
CA ASP A 1 4.69 33.80 18.91
C ASP A 1 5.49 33.94 20.20
N GLY A 2 5.03 33.26 21.26
CA GLY A 2 5.69 33.34 22.54
C GLY A 2 5.69 31.99 23.24
N VAL A 3 6.40 31.95 24.38
CA VAL A 3 6.50 30.71 25.15
C VAL A 3 5.15 30.32 25.71
N GLY A 4 4.40 31.28 26.24
CA GLY A 4 3.15 31.01 26.93
C GLY A 4 1.91 31.05 26.08
N SER A 5 2.02 31.00 24.76
CA SER A 5 0.88 31.05 23.86
C SER A 5 0.90 29.86 22.92
N SER A 6 -0.22 29.14 22.84
CA SER A 6 -0.32 28.02 21.93
C SER A 6 -0.25 28.48 20.48
N SER A 7 0.44 27.71 19.65
CA SER A 7 0.60 28.03 18.23
C SER A 7 -0.40 27.30 17.35
N GLY A 8 -1.36 26.60 17.93
CA GLY A 8 -2.37 25.91 17.15
C GLY A 8 -3.33 25.19 18.05
N ASN A 9 -4.48 24.83 17.47
CA ASN A 9 -5.54 24.14 18.18
C ASN A 9 -5.66 22.71 17.66
N TRP A 10 -6.36 21.88 18.43
CA TRP A 10 -6.58 20.49 18.11
C TRP A 10 -7.76 20.38 17.14
N HIS A 11 -7.47 20.04 15.89
CA HIS A 11 -8.50 19.86 14.88
C HIS A 11 -8.54 18.40 14.46
N CYS A 12 -9.66 17.75 14.74
CA CYS A 12 -9.84 16.34 14.38
C CYS A 12 -11.32 16.09 14.19
N ASP A 13 -11.76 16.01 12.93
CA ASP A 13 -13.18 15.90 12.61
C ASP A 13 -13.29 15.53 11.13
N SER A 14 -14.48 15.08 10.74
CA SER A 14 -14.78 14.80 9.35
C SER A 14 -16.05 15.56 8.97
N GLN A 15 -16.00 16.24 7.83
CA GLN A 15 -17.11 17.04 7.33
C GLN A 15 -17.60 16.44 6.02
N TRP A 16 -18.87 16.05 5.98
CA TRP A 16 -19.44 15.38 4.82
C TRP A 16 -20.35 16.35 4.07
N LEU A 17 -19.88 16.86 2.94
CA LEU A 17 -20.70 17.64 2.04
C LEU A 17 -21.34 16.72 1.00
N GLY A 18 -21.94 17.30 -0.04
CA GLY A 18 -22.60 16.51 -1.06
C GLY A 18 -21.66 15.60 -1.82
N ASP A 19 -20.75 16.17 -2.58
CA ASP A 19 -19.80 15.40 -3.38
C ASP A 19 -18.40 15.40 -2.79
N ARG A 20 -18.22 15.90 -1.58
CA ARG A 20 -16.90 16.02 -0.98
C ARG A 20 -16.96 15.68 0.50
N VAL A 21 -15.88 15.09 1.00
CA VAL A 21 -15.69 14.84 2.42
C VAL A 21 -14.32 15.35 2.81
N ILE A 22 -14.26 16.12 3.89
CA ILE A 22 -13.03 16.72 4.37
C ILE A 22 -12.66 16.05 5.69
N THR A 23 -11.50 15.39 5.72
CA THR A 23 -11.01 14.72 6.91
C THR A 23 -9.88 15.51 7.53
N THR A 24 -9.96 15.71 8.85
CA THR A 24 -8.93 16.39 9.61
C THR A 24 -8.52 15.49 10.77
N SER A 25 -7.21 15.33 10.97
CA SER A 25 -6.69 14.49 12.03
C SER A 25 -5.51 15.18 12.70
N THR A 26 -5.49 15.16 14.03
CA THR A 26 -4.40 15.73 14.80
C THR A 26 -3.83 14.66 15.72
N ARG A 27 -2.49 14.62 15.80
CA ARG A 27 -1.80 13.64 16.63
C ARG A 27 -0.68 14.33 17.39
N THR A 28 -0.30 13.73 18.51
CA THR A 28 0.85 14.17 19.29
C THR A 28 2.04 13.27 18.95
N TRP A 29 3.18 13.89 18.66
CA TRP A 29 4.37 13.18 18.21
C TRP A 29 5.53 13.43 19.15
N ALA A 30 6.51 12.52 19.10
CA ALA A 30 7.75 12.66 19.83
C ALA A 30 8.91 12.39 18.88
N LEU A 31 9.92 13.26 18.93
CA LEU A 31 11.07 13.17 18.03
C LEU A 31 12.36 13.11 18.83
N PRO A 32 13.05 11.98 18.83
CA PRO A 32 14.34 11.90 19.52
C PRO A 32 15.49 12.34 18.60
N THR A 33 16.70 12.24 19.13
CA THR A 33 17.90 12.47 18.32
C THR A 33 18.32 11.16 17.66
N TYR A 34 18.42 11.19 16.34
CA TYR A 34 18.77 10.00 15.56
C TYR A 34 20.24 10.04 15.16
N ASN A 35 20.91 8.90 15.30
CA ASN A 35 22.30 8.71 14.92
C ASN A 35 23.24 9.67 15.64
N ASN A 36 22.79 10.26 16.75
CA ASN A 36 23.57 11.26 17.49
C ASN A 36 24.03 12.39 16.57
N HIS A 37 23.08 12.89 15.76
CA HIS A 37 23.26 14.02 14.85
C HIS A 37 24.19 13.72 13.68
N LEU A 38 24.45 12.45 13.39
CA LEU A 38 25.42 12.07 12.37
C LEU A 38 24.74 11.40 11.18
N TYR A 39 25.39 11.50 10.02
CA TYR A 39 25.06 10.67 8.87
C TYR A 39 25.96 9.45 8.88
N LYS A 40 25.38 8.29 8.62
CA LYS A 40 26.12 7.03 8.68
C LYS A 40 25.87 6.21 7.43
N GLN A 41 26.96 5.77 6.80
CA GLN A 41 26.86 4.83 5.70
C GLN A 41 26.42 3.46 6.22
N ILE A 42 25.41 2.89 5.58
CA ILE A 42 24.86 1.59 5.97
C ILE A 42 24.86 0.66 4.77
N SER A 43 24.92 -0.63 5.06
CA SER A 43 24.93 -1.67 4.03
C SER A 43 24.61 -3.00 4.69
N ASN A 44 24.45 -4.03 3.86
CA ASN A 44 24.22 -5.37 4.39
C ASN A 44 25.43 -5.87 5.17
N SER A 45 26.63 -5.34 4.90
CA SER A 45 27.79 -5.69 5.70
C SER A 45 27.67 -5.13 7.11
N THR A 46 27.19 -3.89 7.25
CA THR A 46 27.03 -3.30 8.57
C THR A 46 25.93 -3.99 9.37
N SER A 47 24.90 -4.49 8.70
CA SER A 47 23.82 -5.21 9.36
C SER A 47 24.04 -6.71 9.38
N GLY A 48 25.14 -7.20 8.82
CA GLY A 48 25.44 -8.62 8.84
C GLY A 48 24.77 -9.44 7.76
N GLY A 49 24.17 -8.80 6.75
CA GLY A 49 23.54 -9.54 5.68
C GLY A 49 24.53 -10.30 4.82
N SER A 50 24.07 -11.43 4.29
CA SER A 50 24.91 -12.31 3.49
C SER A 50 24.34 -12.60 2.11
N SER A 51 23.02 -12.73 2.00
CA SER A 51 22.41 -13.08 0.72
C SER A 51 22.53 -11.93 -0.27
N ASN A 52 22.76 -12.28 -1.56
CA ASN A 52 22.84 -11.34 -2.71
C ASN A 52 21.57 -10.65 -2.97
N ASP A 53 20.48 -11.34 -2.74
CA ASP A 53 19.16 -10.77 -2.98
C ASP A 53 18.80 -9.68 -1.98
N ASN A 54 19.42 -9.68 -0.80
CA ASN A 54 19.12 -8.70 0.23
C ASN A 54 20.26 -7.71 0.44
N ALA A 55 21.27 -7.71 -0.42
CA ALA A 55 22.36 -6.77 -0.30
C ALA A 55 21.89 -5.36 -0.65
N TYR A 56 22.46 -4.37 0.04
CA TYR A 56 22.06 -2.99 -0.17
C TYR A 56 23.18 -2.06 0.27
N PHE A 57 23.09 -0.81 -0.18
CA PHE A 57 23.99 0.26 0.24
C PHE A 57 23.18 1.54 0.36
N GLY A 58 23.40 2.28 1.43
CA GLY A 58 22.67 3.51 1.64
C GLY A 58 23.20 4.28 2.82
N TYR A 59 22.39 5.24 3.27
CA TYR A 59 22.78 6.12 4.37
C TYR A 59 21.61 6.29 5.32
N SER A 60 21.92 6.36 6.62
CA SER A 60 20.94 6.69 7.64
C SER A 60 21.17 8.13 8.08
N THR A 61 20.10 8.91 8.11
CA THR A 61 20.18 10.34 8.41
C THR A 61 19.70 10.64 9.82
N PRO A 62 20.17 11.73 10.41
CA PRO A 62 19.63 12.15 11.71
C PRO A 62 18.26 12.78 11.65
N TRP A 63 17.65 12.83 10.47
CA TRP A 63 16.34 13.43 10.28
C TRP A 63 15.23 12.42 10.44
N GLY A 64 14.11 12.87 11.01
CA GLY A 64 12.87 12.13 10.98
C GLY A 64 11.97 12.63 9.86
N TYR A 65 10.83 11.95 9.71
CA TYR A 65 9.88 12.35 8.68
C TYR A 65 8.47 12.01 9.12
N PHE A 66 7.51 12.80 8.63
CA PHE A 66 6.10 12.59 8.91
C PHE A 66 5.47 11.79 7.79
N ASP A 67 4.73 10.74 8.15
CA ASP A 67 4.08 9.88 7.19
C ASP A 67 2.61 9.74 7.59
N PHE A 68 1.72 10.02 6.63
CA PHE A 68 0.29 9.81 6.80
C PHE A 68 -0.28 9.15 5.56
N ASN A 69 0.43 8.15 5.05
CA ASN A 69 0.07 7.46 3.81
C ASN A 69 -0.74 6.20 4.07
N ARG A 70 -1.56 6.20 5.11
CA ARG A 70 -2.49 5.12 5.39
C ARG A 70 -3.88 5.70 5.63
N PHE A 71 -4.90 5.00 5.14
CA PHE A 71 -6.25 5.55 5.15
C PHE A 71 -6.76 5.77 6.57
N HIS A 72 -6.41 4.89 7.50
CA HIS A 72 -6.89 5.04 8.87
C HIS A 72 -6.29 6.25 9.57
N CYS A 73 -5.26 6.87 9.02
CA CYS A 73 -4.74 8.12 9.56
C CYS A 73 -5.71 9.28 9.38
N HIS A 74 -6.68 9.14 8.48
CA HIS A 74 -7.62 10.21 8.17
C HIS A 74 -9.08 9.82 8.36
N PHE A 75 -9.44 8.56 8.12
CA PHE A 75 -10.82 8.10 8.20
C PHE A 75 -11.00 7.28 9.47
N SER A 76 -12.00 7.66 10.28
CA SER A 76 -12.44 6.81 11.36
C SER A 76 -13.19 5.61 10.78
N PRO A 77 -13.33 4.52 11.55
CA PRO A 77 -14.08 3.37 11.04
C PRO A 77 -15.49 3.71 10.59
N ARG A 78 -16.19 4.60 11.31
CA ARG A 78 -17.53 5.00 10.89
C ARG A 78 -17.50 5.81 9.60
N ASP A 79 -16.54 6.73 9.48
CA ASP A 79 -16.40 7.49 8.24
C ASP A 79 -16.05 6.56 7.07
N TRP A 80 -15.17 5.59 7.31
CA TRP A 80 -14.84 4.62 6.28
C TRP A 80 -16.06 3.82 5.87
N GLN A 81 -16.88 3.41 6.85
CA GLN A 81 -18.10 2.66 6.55
C GLN A 81 -19.05 3.50 5.69
N ARG A 82 -19.23 4.77 6.05
CA ARG A 82 -20.07 5.65 5.24
C ARG A 82 -19.54 5.77 3.82
N LEU A 83 -18.23 6.00 3.69
CA LEU A 83 -17.61 6.15 2.37
C LEU A 83 -17.83 4.92 1.51
N ILE A 84 -17.59 3.74 2.08
CA ILE A 84 -17.65 2.52 1.28
C ILE A 84 -19.08 2.10 1.01
N ASN A 85 -20.04 2.42 1.90
CA ASN A 85 -21.42 2.01 1.69
C ASN A 85 -22.22 3.00 0.87
N ASN A 86 -21.73 4.23 0.67
CA ASN A 86 -22.52 5.25 -0.01
C ASN A 86 -21.90 5.82 -1.27
N ASN A 87 -20.72 5.36 -1.69
CA ASN A 87 -20.04 5.98 -2.81
C ASN A 87 -19.46 4.92 -3.74
N TRP A 88 -19.54 5.20 -5.05
CA TRP A 88 -18.93 4.34 -6.06
C TRP A 88 -17.45 4.63 -6.27
N GLY A 89 -16.95 5.75 -5.78
CA GLY A 89 -15.54 6.07 -5.95
C GLY A 89 -15.16 7.30 -5.15
N PHE A 90 -13.86 7.47 -4.97
CA PHE A 90 -13.32 8.62 -4.25
C PHE A 90 -11.87 8.81 -4.66
N ARG A 91 -11.36 10.02 -4.41
CA ARG A 91 -9.98 10.36 -4.72
C ARG A 91 -9.60 11.59 -3.92
N PRO A 92 -8.33 11.71 -3.51
CA PRO A 92 -7.89 12.92 -2.81
C PRO A 92 -7.82 14.11 -3.76
N LYS A 93 -8.07 15.30 -3.21
CA LYS A 93 -8.07 16.53 -3.99
C LYS A 93 -6.98 17.49 -3.53
N ARG A 94 -6.93 17.85 -2.25
CA ARG A 94 -5.97 18.82 -1.76
C ARG A 94 -5.59 18.48 -0.32
N LEU A 95 -4.49 19.07 0.14
CA LEU A 95 -3.90 18.73 1.42
C LEU A 95 -3.54 19.99 2.18
N ASN A 96 -3.74 19.95 3.50
CA ASN A 96 -3.28 20.98 4.41
C ASN A 96 -2.55 20.32 5.56
N PHE A 97 -1.35 20.80 5.87
CA PHE A 97 -0.49 20.20 6.87
C PHE A 97 -0.01 21.27 7.84
N LYS A 98 0.03 20.94 9.13
CA LYS A 98 0.41 21.91 10.16
C LYS A 98 1.26 21.23 11.23
N LEU A 99 2.29 21.95 11.67
CA LEU A 99 3.08 21.59 12.85
C LEU A 99 3.02 22.76 13.83
N PHE A 100 2.70 22.46 15.09
CA PHE A 100 2.51 23.52 16.06
C PHE A 100 2.73 22.96 17.47
N ASN A 101 2.73 23.87 18.44
CA ASN A 101 2.96 23.54 19.85
C ASN A 101 4.27 22.77 20.03
N ILE A 102 5.34 23.31 19.43
CA ILE A 102 6.65 22.68 19.53
C ILE A 102 7.15 22.77 20.96
N GLN A 103 7.63 21.64 21.49
CA GLN A 103 8.17 21.57 22.83
C GLN A 103 9.47 20.78 22.78
N VAL A 104 10.59 21.44 23.06
CA VAL A 104 11.91 20.81 23.05
C VAL A 104 12.36 20.61 24.49
N LYS A 105 12.76 19.38 24.82
CA LYS A 105 13.14 19.01 26.17
C LYS A 105 14.61 18.59 26.19
N GLU A 106 15.26 18.86 27.32
CA GLU A 106 16.63 18.41 27.56
C GLU A 106 16.62 17.37 28.67
N VAL A 107 17.45 16.34 28.51
CA VAL A 107 17.52 15.23 29.46
C VAL A 107 18.91 15.19 30.07
N THR A 108 18.97 15.19 31.39
CA THR A 108 20.22 15.14 32.13
C THR A 108 20.20 13.94 33.07
N ASP A 109 21.26 13.14 33.03
CA ASP A 109 21.40 11.96 33.88
C ASP A 109 22.53 12.18 34.87
N ASN A 110 22.23 12.08 36.15
CA ASN A 110 23.24 12.24 37.20
C ASN A 110 23.81 10.89 37.62
N ASN A 111 22.97 10.02 38.19
CA ASN A 111 23.38 8.65 38.49
C ASN A 111 22.12 7.79 38.52
N GLY A 112 21.86 7.08 37.42
CA GLY A 112 20.71 6.20 37.33
C GLY A 112 19.36 6.88 37.39
N VAL A 113 19.35 8.21 37.33
CA VAL A 113 18.14 9.00 37.37
C VAL A 113 18.24 10.12 36.34
N LYS A 114 17.20 10.26 35.52
CA LYS A 114 17.17 11.26 34.46
C LYS A 114 16.18 12.37 34.82
N THR A 115 16.59 13.61 34.57
CA THR A 115 15.76 14.78 34.81
C THR A 115 15.46 15.45 33.47
N ILE A 116 14.20 15.77 33.22
CA ILE A 116 13.75 16.36 31.97
C ILE A 116 13.29 17.78 32.24
N ALA A 117 13.79 18.73 31.46
CA ALA A 117 13.44 20.13 31.60
C ALA A 117 13.32 20.76 30.22
N ASN A 118 12.59 21.87 30.15
CA ASN A 118 12.41 22.58 28.90
C ASN A 118 13.68 23.31 28.50
N ASN A 119 13.94 23.36 27.19
CA ASN A 119 15.01 24.17 26.62
C ASN A 119 14.32 25.15 25.66
N LEU A 120 13.91 26.30 26.19
CA LEU A 120 13.08 27.23 25.44
C LEU A 120 13.79 27.83 24.25
N THR A 121 15.12 27.86 24.24
CA THR A 121 15.88 28.50 23.17
C THR A 121 16.29 27.53 22.07
N SER A 122 16.04 26.25 22.22
CA SER A 122 16.41 25.28 21.19
C SER A 122 15.40 25.30 20.05
N THR A 123 15.84 24.80 18.89
CA THR A 123 15.06 24.87 17.66
C THR A 123 14.88 23.49 17.05
N VAL A 124 13.81 23.35 16.27
CA VAL A 124 13.56 22.16 15.46
C VAL A 124 13.41 22.60 14.02
N GLN A 125 14.04 21.86 13.11
CA GLN A 125 14.09 22.21 11.69
C GLN A 125 13.15 21.32 10.90
N VAL A 126 12.34 21.95 10.03
CA VAL A 126 11.37 21.25 9.20
C VAL A 126 11.43 21.83 7.79
N PHE A 127 11.40 20.94 6.80
CA PHE A 127 11.27 21.37 5.41
C PHE A 127 10.57 20.27 4.62
N THR A 128 10.02 20.65 3.47
CA THR A 128 9.31 19.74 2.59
C THR A 128 10.08 19.59 1.29
N ASP A 129 10.20 18.35 0.81
CA ASP A 129 10.85 18.07 -0.47
C ASP A 129 9.87 18.29 -1.62
N SER A 130 9.50 19.57 -1.79
CA SER A 130 8.52 19.93 -2.81
C SER A 130 9.03 19.68 -4.22
N ASP A 131 10.34 19.73 -4.42
CA ASP A 131 10.93 19.49 -5.73
C ASP A 131 11.30 18.03 -5.95
N TYR A 132 11.03 17.16 -4.98
CA TYR A 132 11.27 15.72 -5.10
C TYR A 132 12.73 15.43 -5.44
N GLN A 133 13.63 16.11 -4.75
CA GLN A 133 15.07 15.96 -4.97
C GLN A 133 15.70 14.88 -4.11
N LEU A 134 14.96 14.30 -3.18
CA LEU A 134 15.45 13.25 -2.29
C LEU A 134 14.76 11.93 -2.60
N PRO A 135 15.38 10.81 -2.27
CA PRO A 135 14.73 9.50 -2.48
C PRO A 135 13.40 9.44 -1.72
N TYR A 136 12.39 8.90 -2.39
CA TYR A 136 11.03 8.86 -1.87
C TYR A 136 10.80 7.53 -1.18
N VAL A 137 10.63 7.56 0.14
CA VAL A 137 10.43 6.36 0.94
C VAL A 137 8.98 6.22 1.41
N LEU A 138 8.10 7.17 1.06
CA LEU A 138 6.70 7.06 1.45
C LEU A 138 5.92 6.11 0.55
N GLY A 139 6.50 5.68 -0.57
CA GLY A 139 5.87 4.74 -1.47
C GLY A 139 5.96 3.30 -1.06
N SER A 140 6.57 3.02 0.08
CA SER A 140 6.66 1.67 0.63
C SER A 140 5.79 1.60 1.89
N ALA A 141 5.20 0.43 2.14
CA ALA A 141 4.31 0.26 3.27
C ALA A 141 5.10 0.18 4.58
N HIS A 142 5.75 1.27 4.96
CA HIS A 142 6.55 1.31 6.16
C HIS A 142 5.70 1.68 7.37
N GLU A 143 6.14 1.21 8.54
CA GLU A 143 5.54 1.63 9.79
C GLU A 143 5.92 3.09 10.08
N GLY A 144 5.37 3.61 11.17
CA GLY A 144 5.67 4.96 11.60
C GLY A 144 4.68 6.01 11.16
N CYS A 145 3.54 5.62 10.59
CA CYS A 145 2.52 6.57 10.19
C CYS A 145 1.75 7.06 11.40
N LEU A 146 0.92 8.08 11.18
CA LEU A 146 0.06 8.59 12.24
C LEU A 146 -0.86 7.48 12.74
N PRO A 147 -1.04 7.35 14.06
CA PRO A 147 -1.84 6.23 14.57
C PRO A 147 -3.30 6.36 14.14
N PRO A 148 -3.99 5.24 13.93
CA PRO A 148 -5.42 5.31 13.65
C PRO A 148 -6.23 5.89 14.79
N PHE A 149 -5.82 5.66 16.03
CA PHE A 149 -6.54 6.19 17.18
C PHE A 149 -6.00 7.58 17.52
N PRO A 150 -6.84 8.62 17.56
CA PRO A 150 -6.32 9.97 17.78
C PRO A 150 -5.61 10.17 19.10
N ALA A 151 -5.92 9.38 20.13
CA ALA A 151 -5.31 9.56 21.44
C ALA A 151 -3.91 8.97 21.55
N ASP A 152 -3.51 8.11 20.61
CA ASP A 152 -2.19 7.51 20.67
C ASP A 152 -1.11 8.52 20.32
N VAL A 153 -0.03 8.51 21.10
CA VAL A 153 1.15 9.32 20.83
C VAL A 153 2.17 8.44 20.13
N PHE A 154 2.72 8.94 19.01
CA PHE A 154 3.57 8.13 18.15
C PHE A 154 4.96 8.73 18.05
N MET A 155 5.92 7.85 17.73
CA MET A 155 7.31 8.24 17.55
C MET A 155 7.59 8.46 16.07
N ILE A 156 8.29 9.56 15.77
CA ILE A 156 8.59 9.90 14.38
C ILE A 156 9.64 8.93 13.84
N PRO A 157 9.39 8.26 12.72
CA PRO A 157 10.38 7.33 12.18
C PRO A 157 11.60 8.06 11.63
N GLN A 158 12.74 7.37 11.69
CA GLN A 158 13.98 7.91 11.18
C GLN A 158 14.04 7.78 9.66
N TYR A 159 14.55 8.82 9.00
CA TYR A 159 14.63 8.85 7.54
C TYR A 159 15.92 8.18 7.07
N GLY A 160 15.78 7.24 6.14
CA GLY A 160 16.92 6.62 5.50
C GLY A 160 16.60 6.34 4.05
N TYR A 161 17.66 6.15 3.27
CA TYR A 161 17.50 5.93 1.84
C TYR A 161 18.59 5.00 1.34
N LEU A 162 18.33 4.40 0.18
CA LEU A 162 19.25 3.47 -0.46
C LEU A 162 19.65 3.99 -1.83
N THR A 163 20.86 3.63 -2.24
CA THR A 163 21.37 4.00 -3.55
C THR A 163 21.90 2.76 -4.27
N LEU A 164 22.56 2.95 -5.41
CA LEU A 164 23.07 1.82 -6.17
C LEU A 164 24.14 1.08 -5.38
N ASN A 165 24.10 -0.25 -5.46
CA ASN A 165 25.00 -1.10 -4.69
C ASN A 165 25.52 -2.25 -5.55
N ASP A 166 26.74 -2.67 -5.24
CA ASP A 166 27.33 -3.90 -5.79
C ASP A 166 27.77 -4.72 -4.58
N GLY A 167 26.95 -5.70 -4.20
CA GLY A 167 27.16 -6.37 -2.93
C GLY A 167 26.97 -5.37 -1.80
N SER A 168 27.95 -5.31 -0.90
CA SER A 168 27.94 -4.33 0.18
C SER A 168 28.69 -3.05 -0.19
N GLN A 169 29.21 -2.96 -1.41
CA GLN A 169 29.97 -1.81 -1.86
C GLN A 169 29.13 -0.90 -2.75
N ALA A 170 29.57 0.34 -2.87
CA ALA A 170 28.94 1.33 -3.72
C ALA A 170 29.68 1.44 -5.05
N VAL A 171 29.07 2.16 -5.98
CA VAL A 171 29.66 2.43 -7.29
C VAL A 171 29.75 3.95 -7.47
N GLY A 172 30.43 4.35 -8.54
CA GLY A 172 30.59 5.77 -8.82
C GLY A 172 29.27 6.48 -9.07
N ARG A 173 28.27 5.76 -9.58
CA ARG A 173 26.96 6.35 -9.84
C ARG A 173 26.13 6.53 -8.57
N SER A 174 26.55 5.93 -7.46
CA SER A 174 25.81 6.07 -6.20
C SER A 174 25.81 7.53 -5.76
N SER A 175 24.70 7.95 -5.17
CA SER A 175 24.49 9.34 -4.75
C SER A 175 24.42 9.43 -3.23
N PHE A 176 25.02 10.48 -2.68
CA PHE A 176 24.95 10.79 -1.26
C PHE A 176 24.25 12.12 -1.09
N TYR A 177 23.22 12.14 -0.25
CA TYR A 177 22.38 13.33 -0.06
C TYR A 177 22.55 13.84 1.36
N CYS A 178 22.85 15.14 1.50
CA CYS A 178 22.90 15.81 2.78
C CYS A 178 21.64 16.66 2.93
N LEU A 179 20.82 16.35 3.94
CA LEU A 179 19.56 17.05 4.11
C LEU A 179 19.76 18.46 4.68
N GLU A 180 20.93 18.76 5.23
CA GLU A 180 21.26 20.12 5.63
C GLU A 180 21.58 21.02 4.44
N TYR A 181 21.73 20.45 3.25
CA TYR A 181 21.92 21.21 2.02
C TYR A 181 20.60 21.69 1.43
N PHE A 182 19.54 21.68 2.22
CA PHE A 182 18.22 22.17 1.84
C PHE A 182 17.80 23.30 2.77
N PRO A 183 17.13 24.33 2.24
CA PRO A 183 16.59 25.38 3.12
C PRO A 183 15.47 24.81 3.99
N SER A 184 15.55 25.06 5.29
CA SER A 184 14.58 24.54 6.23
C SER A 184 14.23 25.62 7.25
N GLN A 185 12.98 25.62 7.68
CA GLN A 185 12.52 26.55 8.70
C GLN A 185 12.91 26.04 10.08
N MET A 186 13.44 26.94 10.90
CA MET A 186 13.83 26.62 12.26
C MET A 186 12.78 27.18 13.23
N LEU A 187 12.25 26.31 14.07
CA LEU A 187 11.12 26.65 14.92
C LEU A 187 11.51 26.50 16.39
N ARG A 188 11.30 27.57 17.16
CA ARG A 188 11.35 27.47 18.61
C ARG A 188 9.98 27.09 19.14
N THR A 189 9.81 27.16 20.46
CA THR A 189 8.55 26.72 21.07
C THR A 189 7.38 27.61 20.64
N GLY A 190 7.65 28.84 20.21
CA GLY A 190 6.58 29.74 19.82
C GLY A 190 6.19 29.70 18.36
N ASN A 191 6.96 28.99 17.54
CA ASN A 191 6.76 29.00 16.10
C ASN A 191 5.93 27.79 15.65
N ASN A 192 5.37 27.91 14.45
CA ASN A 192 4.60 26.84 13.84
C ASN A 192 4.95 26.73 12.35
N PHE A 193 4.61 25.60 11.75
CA PHE A 193 4.91 25.32 10.35
C PHE A 193 3.65 24.80 9.67
N GLN A 194 3.45 25.23 8.42
CA GLN A 194 2.29 24.79 7.65
C GLN A 194 2.56 24.96 6.17
N PHE A 195 1.93 24.11 5.37
CA PHE A 195 1.98 24.22 3.92
C PHE A 195 0.75 23.55 3.33
N SER A 196 0.46 23.89 2.08
CA SER A 196 -0.68 23.32 1.36
C SER A 196 -0.18 22.58 0.12
N TYR A 197 -0.88 21.50 -0.22
CA TYR A 197 -0.53 20.68 -1.37
C TYR A 197 -1.79 20.34 -2.15
N GLU A 198 -1.67 20.35 -3.47
CA GLU A 198 -2.77 20.02 -4.37
C GLU A 198 -2.45 18.68 -5.05
N PHE A 199 -3.34 17.71 -4.88
CA PHE A 199 -3.16 16.42 -5.55
C PHE A 199 -3.33 16.57 -7.05
N GLU A 200 -2.44 15.93 -7.81
CA GLU A 200 -2.62 15.90 -9.25
C GLU A 200 -3.79 15.00 -9.62
N ASN A 201 -4.34 15.24 -10.81
CA ASN A 201 -5.55 14.53 -11.22
C ASN A 201 -5.30 13.04 -11.32
N VAL A 202 -6.11 12.27 -10.58
CA VAL A 202 -6.01 10.81 -10.57
C VAL A 202 -7.40 10.23 -10.79
N PRO A 203 -7.52 9.02 -11.33
CA PRO A 203 -8.84 8.41 -11.48
C PRO A 203 -9.44 8.05 -10.13
N PHE A 204 -10.77 8.04 -10.08
CA PHE A 204 -11.46 7.60 -8.88
C PHE A 204 -11.16 6.13 -8.59
N HIS A 205 -10.91 5.82 -7.33
CA HIS A 205 -10.72 4.43 -6.94
C HIS A 205 -12.04 3.67 -7.06
N SER A 206 -11.95 2.43 -7.53
CA SER A 206 -13.15 1.60 -7.74
C SER A 206 -13.57 1.02 -6.39
N SER A 207 -14.53 1.69 -5.75
CA SER A 207 -15.11 1.20 -4.49
C SER A 207 -16.39 0.42 -4.73
N TYR A 208 -16.44 -0.32 -5.84
CA TYR A 208 -17.60 -1.11 -6.20
C TYR A 208 -17.14 -2.50 -6.65
N ALA A 209 -18.07 -3.45 -6.59
CA ALA A 209 -17.85 -4.80 -7.12
C ALA A 209 -18.81 -5.03 -8.28
N HIS A 210 -18.29 -5.55 -9.38
CA HIS A 210 -19.11 -5.75 -10.56
C HIS A 210 -20.20 -6.77 -10.30
N SER A 211 -21.41 -6.45 -10.75
CA SER A 211 -22.54 -7.35 -10.64
C SER A 211 -22.69 -8.26 -11.85
N GLN A 212 -21.76 -8.15 -12.82
CA GLN A 212 -21.73 -9.02 -13.99
C GLN A 212 -20.32 -9.52 -14.20
N SER A 213 -20.21 -10.69 -14.82
CA SER A 213 -18.92 -11.27 -15.16
C SER A 213 -18.63 -11.03 -16.63
N LEU A 214 -17.34 -10.97 -16.97
CA LEU A 214 -16.93 -10.62 -18.33
C LEU A 214 -17.41 -11.65 -19.35
N ASP A 215 -17.60 -12.90 -18.92
CA ASP A 215 -18.03 -13.97 -19.81
C ASP A 215 -19.54 -14.14 -19.85
N ARG A 216 -20.30 -13.26 -19.19
CA ARG A 216 -21.75 -13.34 -19.12
C ARG A 216 -22.38 -11.98 -19.41
N LEU A 217 -21.91 -11.31 -20.46
CA LEU A 217 -22.44 -10.02 -20.87
C LEU A 217 -23.44 -10.11 -22.01
N MET A 218 -23.72 -11.30 -22.50
CA MET A 218 -24.62 -11.45 -23.65
C MET A 218 -26.07 -11.54 -23.18
N ASN A 219 -26.97 -11.44 -24.15
CA ASN A 219 -28.39 -11.66 -23.89
C ASN A 219 -28.64 -13.16 -23.76
N PRO A 220 -29.15 -13.64 -22.61
CA PRO A 220 -29.34 -15.08 -22.44
C PRO A 220 -30.53 -15.65 -23.22
N LEU A 221 -31.20 -14.86 -24.05
CA LEU A 221 -32.38 -15.31 -24.76
C LEU A 221 -32.21 -15.34 -26.28
N ILE A 222 -31.16 -14.73 -26.82
CA ILE A 222 -31.01 -14.54 -28.26
C ILE A 222 -29.72 -15.18 -28.73
N ASP A 223 -29.79 -15.89 -29.85
CA ASP A 223 -28.60 -16.46 -30.47
C ASP A 223 -27.74 -15.36 -31.09
N GLN A 224 -26.45 -15.66 -31.23
CA GLN A 224 -25.56 -14.81 -32.01
C GLN A 224 -25.73 -15.12 -33.50
N TYR A 225 -25.35 -14.15 -34.33
CA TYR A 225 -25.29 -14.36 -35.77
C TYR A 225 -23.93 -14.88 -36.22
N LEU A 226 -23.15 -15.44 -35.31
CA LEU A 226 -21.83 -15.99 -35.60
C LEU A 226 -21.84 -17.49 -35.35
N TYR A 227 -20.99 -18.22 -36.08
CA TYR A 227 -20.93 -19.67 -35.95
C TYR A 227 -19.62 -20.18 -35.36
N TYR A 228 -19.64 -21.45 -34.94
CA TYR A 228 -18.48 -22.11 -34.36
C TYR A 228 -18.35 -23.51 -34.94
N LEU A 229 -17.15 -24.08 -34.88
CA LEU A 229 -16.93 -25.41 -35.41
C LEU A 229 -17.26 -26.39 -34.29
N SER A 230 -18.38 -27.08 -34.46
CA SER A 230 -18.89 -27.99 -33.44
C SER A 230 -18.29 -29.39 -33.55
N LYS A 231 -18.13 -29.87 -34.78
CA LYS A 231 -17.57 -31.19 -35.03
C LYS A 231 -16.46 -31.14 -36.08
N THR A 232 -15.58 -32.14 -36.04
CA THR A 232 -14.47 -32.21 -36.97
C THR A 232 -14.42 -33.57 -37.68
N ILE A 233 -14.81 -34.62 -36.96
CA ILE A 233 -14.81 -35.97 -37.50
C ILE A 233 -16.14 -36.31 -38.15
N ASN A 234 -16.54 -37.58 -38.07
CA ASN A 234 -17.80 -38.03 -38.67
C ASN A 234 -18.65 -38.80 -37.66
N GLY A 235 -18.58 -38.40 -36.39
CA GLY A 235 -19.34 -39.04 -35.34
C GLY A 235 -19.12 -40.55 -35.31
N SER A 236 -20.22 -41.29 -35.23
CA SER A 236 -20.16 -42.74 -35.20
C SER A 236 -20.00 -43.33 -36.60
N GLY A 244 -13.15 -47.44 -36.69
CA GLY A 244 -13.43 -46.82 -37.97
C GLY A 244 -12.36 -45.85 -38.41
N GLN A 245 -12.16 -45.75 -39.72
CA GLN A 245 -11.15 -44.86 -40.28
C GLN A 245 -11.76 -43.90 -41.31
N ASN A 246 -10.94 -42.96 -41.78
CA ASN A 246 -11.36 -41.98 -42.78
C ASN A 246 -12.68 -41.29 -42.40
N GLN A 247 -12.70 -40.67 -41.23
CA GLN A 247 -13.89 -39.96 -40.77
C GLN A 247 -13.56 -38.52 -40.38
N GLN A 248 -13.29 -37.69 -41.38
CA GLN A 248 -12.97 -36.30 -41.15
C GLN A 248 -13.92 -35.38 -41.91
N THR A 249 -14.78 -34.66 -41.19
CA THR A 249 -15.75 -33.76 -41.83
C THR A 249 -16.13 -32.53 -40.99
N LEU A 250 -15.82 -31.34 -41.51
CA LEU A 250 -16.09 -30.08 -40.81
C LEU A 250 -17.57 -29.85 -40.46
N LYS A 251 -17.80 -29.13 -39.36
CA LYS A 251 -19.14 -28.81 -38.88
C LYS A 251 -19.19 -27.45 -38.21
N PHE A 252 -20.36 -26.81 -38.23
CA PHE A 252 -20.53 -25.48 -37.62
C PHE A 252 -21.90 -25.35 -36.95
N SER A 253 -21.97 -24.60 -35.85
CA SER A 253 -23.23 -24.41 -35.14
C SER A 253 -23.31 -22.97 -34.66
N VAL A 254 -24.55 -22.52 -34.42
CA VAL A 254 -24.79 -21.18 -33.92
C VAL A 254 -24.44 -21.13 -32.43
N ALA A 255 -23.67 -20.10 -32.05
CA ALA A 255 -23.36 -19.88 -30.64
C ALA A 255 -24.54 -19.18 -29.98
N GLY A 256 -25.16 -19.83 -28.99
CA GLY A 256 -26.33 -19.30 -28.35
C GLY A 256 -26.32 -19.49 -26.85
N PRO A 257 -27.48 -19.28 -26.22
CA PRO A 257 -27.56 -19.39 -24.75
C PRO A 257 -27.16 -20.76 -24.22
N SER A 258 -27.43 -21.83 -24.97
CA SER A 258 -27.10 -23.18 -24.51
C SER A 258 -25.60 -23.41 -24.42
N ASN A 259 -24.79 -22.71 -25.22
CA ASN A 259 -23.33 -22.82 -25.18
C ASN A 259 -22.76 -21.40 -25.12
N MET A 260 -22.66 -20.84 -23.91
CA MET A 260 -22.15 -19.49 -23.76
C MET A 260 -20.63 -19.44 -23.84
N ALA A 261 -19.96 -20.56 -23.54
CA ALA A 261 -18.50 -20.57 -23.48
C ALA A 261 -17.88 -20.30 -24.84
N VAL A 262 -18.58 -20.65 -25.93
CA VAL A 262 -18.01 -20.53 -27.28
C VAL A 262 -18.50 -19.29 -28.01
N GLN A 263 -19.30 -18.44 -27.36
CA GLN A 263 -19.77 -17.23 -28.01
C GLN A 263 -18.62 -16.26 -28.25
N GLY A 264 -18.71 -15.51 -29.34
CA GLY A 264 -17.75 -14.46 -29.60
C GLY A 264 -17.88 -13.34 -28.59
N ARG A 265 -16.74 -12.82 -28.16
CA ARG A 265 -16.70 -11.76 -27.16
C ARG A 265 -15.73 -10.67 -27.60
N ASN A 266 -16.05 -9.43 -27.23
CA ASN A 266 -15.25 -8.28 -27.64
C ASN A 266 -14.10 -7.97 -26.68
N TYR A 267 -14.20 -8.41 -25.42
CA TYR A 267 -13.18 -8.07 -24.44
C TYR A 267 -12.82 -9.31 -23.62
N ILE A 268 -11.59 -9.32 -23.11
CA ILE A 268 -11.03 -10.49 -22.46
C ILE A 268 -10.45 -10.08 -21.12
N PRO A 269 -10.30 -11.02 -20.19
CA PRO A 269 -9.79 -10.68 -18.86
C PRO A 269 -8.36 -10.17 -18.91
N GLY A 270 -7.98 -9.45 -17.85
CA GLY A 270 -6.72 -8.75 -17.81
C GLY A 270 -5.55 -9.69 -17.61
N PRO A 271 -4.32 -9.17 -17.48
CA PRO A 271 -3.08 -9.95 -17.48
C PRO A 271 -2.92 -10.87 -16.26
N SER A 272 -1.97 -11.80 -16.30
CA SER A 272 -1.67 -12.71 -15.18
C SER A 272 -0.17 -13.01 -15.01
N TYR A 273 0.20 -13.48 -13.82
CA TYR A 273 1.53 -14.01 -13.49
C TYR A 273 1.38 -15.03 -12.36
N ARG A 274 1.20 -16.31 -12.69
CA ARG A 274 0.66 -17.32 -11.74
C ARG A 274 1.44 -17.41 -10.43
N GLN A 275 0.70 -17.45 -9.32
CA GLN A 275 1.15 -17.68 -7.96
C GLN A 275 0.96 -19.13 -7.55
N GLN A 276 1.77 -19.63 -6.61
CA GLN A 276 1.51 -20.92 -5.95
C GLN A 276 0.32 -20.82 -4.99
N ARG A 277 -0.43 -21.92 -4.80
CA ARG A 277 -1.63 -21.97 -3.95
C ARG A 277 -1.32 -22.59 -2.59
N VAL A 278 -1.67 -21.88 -1.52
CA VAL A 278 -1.46 -22.30 -0.13
C VAL A 278 -2.81 -22.46 0.55
N SER A 279 -3.07 -23.58 1.22
CA SER A 279 -4.26 -23.77 2.05
C SER A 279 -4.02 -23.33 3.49
N THR A 280 -4.99 -22.66 4.11
CA THR A 280 -5.03 -22.45 5.56
C THR A 280 -5.38 -23.71 6.35
N THR A 281 -5.89 -24.77 5.71
CA THR A 281 -5.91 -26.13 6.27
C THR A 281 -4.55 -26.79 6.02
N VAL A 282 -3.69 -26.80 7.03
CA VAL A 282 -2.26 -27.14 6.87
C VAL A 282 -2.01 -28.53 6.28
N THR A 283 -2.85 -29.52 6.60
CA THR A 283 -2.72 -30.90 6.09
C THR A 283 -3.02 -31.05 4.60
N GLN A 284 -3.57 -30.04 3.92
CA GLN A 284 -3.73 -30.03 2.46
C GLN A 284 -2.47 -29.54 1.72
N ASN A 285 -1.51 -28.94 2.43
CA ASN A 285 -0.24 -28.49 1.84
C ASN A 285 0.79 -29.61 1.77
N ASN A 286 1.79 -29.48 0.90
CA ASN A 286 2.85 -30.49 0.80
C ASN A 286 3.75 -30.50 2.04
N ASN A 287 4.23 -31.67 2.44
CA ASN A 287 5.15 -31.86 3.56
C ASN A 287 6.61 -31.54 3.18
N SER A 288 6.87 -30.29 2.78
CA SER A 288 8.18 -29.77 2.36
C SER A 288 8.27 -28.26 2.58
N GLU A 289 9.48 -27.71 2.50
CA GLU A 289 9.69 -26.27 2.68
C GLU A 289 9.61 -25.62 1.31
N PHE A 290 8.51 -24.91 0.99
CA PHE A 290 8.27 -24.38 -0.35
C PHE A 290 8.01 -22.87 -0.41
N ALA A 291 8.37 -22.09 0.62
CA ALA A 291 8.01 -20.67 0.69
C ALA A 291 8.77 -19.97 -0.43
N TRP A 292 10.00 -19.56 -0.13
CA TRP A 292 10.88 -18.93 -1.10
C TRP A 292 11.02 -19.75 -2.38
N PRO A 293 11.31 -21.06 -2.32
CA PRO A 293 11.53 -21.81 -3.58
C PRO A 293 10.34 -21.81 -4.51
N GLY A 294 9.14 -22.02 -3.97
CA GLY A 294 7.90 -22.18 -4.72
C GLY A 294 7.30 -20.86 -5.16
N ALA A 295 7.75 -19.74 -4.58
CA ALA A 295 7.27 -18.42 -4.89
C ALA A 295 7.63 -17.95 -6.30
N SER A 296 6.73 -17.15 -6.86
CA SER A 296 6.95 -16.40 -8.09
C SER A 296 7.83 -15.19 -7.80
N SER A 297 8.77 -14.88 -8.68
CA SER A 297 9.73 -13.79 -8.51
C SER A 297 10.04 -13.12 -9.83
N TRP A 298 10.68 -11.97 -9.76
CA TRP A 298 11.29 -11.26 -10.88
C TRP A 298 12.73 -10.92 -10.54
N ALA A 299 13.56 -10.72 -11.56
CA ALA A 299 14.99 -10.52 -11.39
C ALA A 299 15.41 -9.17 -11.95
N LEU A 300 16.28 -8.47 -11.22
CA LEU A 300 16.81 -7.19 -11.64
C LEU A 300 18.30 -7.14 -11.31
N ASN A 301 19.13 -7.07 -12.34
CA ASN A 301 20.59 -6.98 -12.20
C ASN A 301 21.13 -8.13 -11.34
N GLY A 302 20.59 -9.33 -11.57
CA GLY A 302 21.03 -10.51 -10.85
C GLY A 302 20.43 -10.70 -9.48
N ARG A 303 19.59 -9.77 -9.02
CA ARG A 303 18.92 -9.91 -7.73
C ARG A 303 17.47 -10.32 -7.95
N ASN A 304 17.03 -11.32 -7.19
CA ASN A 304 15.67 -11.82 -7.26
C ASN A 304 14.83 -11.12 -6.20
N SER A 305 13.70 -10.55 -6.62
CA SER A 305 12.77 -9.90 -5.73
C SER A 305 11.40 -10.58 -5.83
N LEU A 306 10.81 -10.93 -4.70
CA LEU A 306 9.56 -11.67 -4.63
C LEU A 306 8.47 -10.93 -5.43
N MET A 307 7.66 -11.63 -6.23
CA MET A 307 6.50 -11.01 -6.89
C MET A 307 5.40 -10.82 -5.84
N ASN A 308 5.36 -9.64 -5.22
CA ASN A 308 4.64 -9.37 -3.99
C ASN A 308 4.17 -7.91 -3.92
N PRO A 309 2.86 -7.61 -3.96
CA PRO A 309 1.77 -8.55 -4.16
C PRO A 309 1.56 -8.95 -5.64
N GLY A 310 2.25 -8.28 -6.58
CA GLY A 310 2.13 -8.54 -8.02
C GLY A 310 0.87 -7.96 -8.67
N PRO A 311 0.56 -8.38 -9.91
CA PRO A 311 -0.62 -7.95 -10.67
C PRO A 311 -1.94 -8.14 -9.91
N ALA A 312 -2.91 -7.24 -10.05
CA ALA A 312 -4.20 -7.41 -9.40
C ALA A 312 -4.92 -8.62 -10.01
N MET A 313 -5.04 -9.72 -9.28
CA MET A 313 -5.66 -10.98 -9.69
C MET A 313 -6.60 -11.45 -8.60
N ALA A 314 -7.67 -12.13 -8.99
CA ALA A 314 -8.60 -12.72 -8.03
C ALA A 314 -7.85 -13.67 -7.10
N SER A 315 -8.09 -13.53 -5.80
CA SER A 315 -7.37 -14.34 -4.81
C SER A 315 -7.70 -15.82 -4.93
N HIS A 316 -8.97 -16.15 -5.19
CA HIS A 316 -9.39 -17.55 -5.23
C HIS A 316 -10.65 -17.65 -6.07
N LYS A 317 -10.92 -18.88 -6.56
CA LYS A 317 -12.16 -19.30 -7.24
C LYS A 317 -13.34 -19.29 -6.28
N GLU A 318 -14.56 -19.22 -6.80
CA GLU A 318 -15.77 -19.20 -5.98
C GLU A 318 -15.80 -20.39 -5.04
N GLY A 319 -16.05 -20.12 -3.76
CA GLY A 319 -16.13 -21.16 -2.76
C GLY A 319 -14.80 -21.66 -2.22
N GLU A 320 -13.66 -21.21 -2.74
CA GLU A 320 -12.33 -21.74 -2.39
C GLU A 320 -11.60 -20.88 -1.34
N ASP A 321 -12.37 -20.29 -0.42
CA ASP A 321 -11.96 -19.30 0.58
C ASP A 321 -10.76 -19.73 1.43
N ARG A 322 -10.56 -21.03 1.63
CA ARG A 322 -9.43 -21.58 2.43
C ARG A 322 -8.06 -21.40 1.79
N PHE A 323 -8.01 -21.24 0.47
CA PHE A 323 -6.78 -21.05 -0.29
C PHE A 323 -6.40 -19.58 -0.45
N PHE A 324 -5.10 -19.29 -0.51
CA PHE A 324 -4.57 -17.98 -0.86
C PHE A 324 -3.33 -18.11 -1.77
N PRO A 325 -3.03 -17.11 -2.61
CA PRO A 325 -1.78 -17.06 -3.37
C PRO A 325 -0.59 -16.77 -2.48
N LEU A 326 0.48 -17.53 -2.61
CA LEU A 326 1.65 -17.51 -1.71
C LEU A 326 2.20 -16.11 -1.41
N SER A 327 2.27 -15.21 -2.39
CA SER A 327 2.56 -13.78 -2.15
C SER A 327 1.69 -12.84 -2.98
N GLY A 328 0.41 -13.16 -3.18
CA GLY A 328 -0.51 -12.40 -4.05
C GLY A 328 -1.44 -11.39 -3.37
N SER A 329 -1.33 -11.19 -2.06
CA SER A 329 -2.30 -10.49 -1.24
C SER A 329 -1.60 -9.74 -0.12
N LEU A 330 -2.18 -8.62 0.28
CA LEU A 330 -1.65 -7.85 1.40
C LEU A 330 -1.95 -8.58 2.70
N ILE A 331 -0.94 -8.69 3.56
CA ILE A 331 -1.06 -9.36 4.85
C ILE A 331 -0.84 -8.33 5.95
N PHE A 332 -1.87 -8.09 6.75
CA PHE A 332 -1.78 -7.19 7.89
C PHE A 332 -1.68 -8.00 9.18
N GLY A 333 -1.00 -7.41 10.16
CA GLY A 333 -0.85 -8.05 11.46
C GLY A 333 -1.87 -7.53 12.45
N LYS A 334 -2.42 -8.45 13.25
CA LYS A 334 -3.35 -8.07 14.30
C LYS A 334 -2.61 -7.32 15.41
N GLN A 335 -3.38 -6.64 16.25
CA GLN A 335 -2.79 -5.88 17.34
C GLN A 335 -2.03 -6.80 18.29
N GLY A 336 -0.80 -6.43 18.60
CA GLY A 336 0.05 -7.22 19.47
C GLY A 336 0.78 -8.36 18.79
N THR A 337 0.62 -8.52 17.47
CA THR A 337 1.29 -9.61 16.76
C THR A 337 2.79 -9.37 16.71
N GLY A 338 3.55 -10.45 16.88
CA GLY A 338 5.00 -10.37 16.88
C GLY A 338 5.55 -10.09 15.49
N ARG A 339 6.88 -9.94 15.44
CA ARG A 339 7.53 -9.54 14.20
C ARG A 339 7.93 -10.75 13.36
N ASP A 340 8.34 -11.84 13.98
CA ASP A 340 8.92 -12.97 13.27
C ASP A 340 8.18 -14.26 13.57
N ASN A 341 7.81 -14.97 12.50
CA ASN A 341 7.28 -16.34 12.57
C ASN A 341 6.06 -16.41 13.50
N VAL A 342 5.01 -15.71 13.11
CA VAL A 342 3.75 -15.76 13.82
C VAL A 342 2.81 -16.71 13.11
N ASP A 343 1.82 -17.22 13.84
CA ASP A 343 0.86 -18.15 13.27
C ASP A 343 -0.14 -17.41 12.38
N ALA A 344 -0.89 -18.19 11.60
CA ALA A 344 -1.88 -17.68 10.66
C ALA A 344 -3.01 -16.91 11.37
N ASP A 345 -3.36 -17.26 12.60
CA ASP A 345 -4.39 -16.56 13.34
C ASP A 345 -3.92 -15.22 13.89
N LYS A 346 -2.62 -14.92 13.82
CA LYS A 346 -2.09 -13.65 14.27
C LYS A 346 -2.00 -12.60 13.16
N VAL A 347 -2.38 -12.97 11.93
CA VAL A 347 -2.32 -12.04 10.80
C VAL A 347 -3.67 -12.05 10.11
N MET A 348 -3.90 -10.99 9.32
CA MET A 348 -5.16 -10.80 8.59
C MET A 348 -4.83 -10.82 7.10
N ILE A 349 -5.27 -11.89 6.41
CA ILE A 349 -5.02 -12.11 4.99
C ILE A 349 -6.12 -11.46 4.15
N THR A 350 -5.80 -10.37 3.45
CA THR A 350 -6.76 -9.73 2.56
C THR A 350 -7.00 -10.60 1.32
N ASN A 351 -8.15 -10.40 0.70
CA ASN A 351 -8.51 -11.13 -0.51
C ASN A 351 -9.16 -10.18 -1.51
N GLU A 352 -9.02 -10.49 -2.79
CA GLU A 352 -9.54 -9.69 -3.88
C GLU A 352 -10.58 -10.47 -4.69
N GLU A 353 -11.49 -11.17 -4.00
CA GLU A 353 -12.47 -11.98 -4.69
C GLU A 353 -13.45 -11.13 -5.50
N GLU A 354 -13.59 -9.84 -5.17
CA GLU A 354 -14.52 -8.99 -5.86
C GLU A 354 -14.16 -8.77 -7.32
N ILE A 355 -12.88 -8.90 -7.68
CA ILE A 355 -12.43 -8.66 -9.04
C ILE A 355 -12.37 -9.95 -9.87
N LYS A 356 -12.98 -11.03 -9.38
CA LYS A 356 -13.02 -12.28 -10.14
C LYS A 356 -13.88 -12.16 -11.39
N THR A 357 -14.69 -11.11 -11.51
CA THR A 357 -15.53 -10.93 -12.69
C THR A 357 -14.75 -10.42 -13.90
N THR A 358 -13.58 -9.82 -13.69
CA THR A 358 -12.78 -9.29 -14.80
C THR A 358 -11.33 -9.77 -14.72
N ASN A 359 -10.86 -10.08 -13.52
CA ASN A 359 -9.45 -10.46 -13.44
C ASN A 359 -9.30 -11.97 -13.28
N PRO A 360 -8.28 -12.60 -13.89
CA PRO A 360 -8.06 -14.04 -13.75
C PRO A 360 -7.68 -14.43 -12.31
N VAL A 361 -7.87 -15.70 -11.97
CA VAL A 361 -7.50 -16.25 -10.65
C VAL A 361 -5.99 -16.39 -10.52
N ALA A 362 -5.43 -15.89 -9.41
CA ALA A 362 -3.99 -15.80 -9.17
C ALA A 362 -3.26 -17.14 -9.25
N THR A 363 -3.92 -18.22 -8.85
CA THR A 363 -3.36 -19.57 -8.75
C THR A 363 -3.73 -20.48 -9.92
N GLU A 364 -4.32 -19.94 -10.98
CA GLU A 364 -4.69 -20.66 -12.21
C GLU A 364 -3.86 -20.15 -13.39
N SER A 365 -3.73 -20.94 -14.45
CA SER A 365 -3.26 -20.46 -15.75
C SER A 365 -4.22 -19.40 -16.32
N TYR A 366 -3.73 -18.43 -17.09
CA TYR A 366 -4.60 -17.47 -17.81
C TYR A 366 -5.59 -18.22 -18.70
N GLY A 367 -5.10 -19.26 -19.36
CA GLY A 367 -5.86 -20.01 -20.32
C GLY A 367 -4.99 -21.02 -21.03
N GLN A 368 -5.46 -21.46 -22.20
CA GLN A 368 -4.74 -22.42 -23.02
C GLN A 368 -4.53 -21.86 -24.41
N VAL A 369 -3.38 -22.15 -25.00
CA VAL A 369 -3.03 -21.68 -26.33
C VAL A 369 -2.51 -22.87 -27.15
N ALA A 370 -2.85 -22.87 -28.43
CA ALA A 370 -2.40 -23.93 -29.32
C ALA A 370 -0.88 -23.89 -29.46
N THR A 371 -0.27 -25.08 -29.52
CA THR A 371 1.18 -25.20 -29.55
C THR A 371 1.70 -25.98 -30.74
N ASN A 372 0.84 -26.36 -31.68
CA ASN A 372 1.27 -27.12 -32.86
C ASN A 372 0.21 -27.01 -33.94
N HIS A 373 0.48 -27.65 -35.07
CA HIS A 373 -0.46 -27.73 -36.18
C HIS A 373 -1.04 -29.15 -36.21
N GLN A 374 -2.33 -29.27 -35.94
CA GLN A 374 -2.98 -30.58 -35.95
C GLN A 374 -3.03 -31.13 -37.37
N SER A 375 -2.98 -32.45 -37.47
CA SER A 375 -3.02 -33.14 -38.76
C SER A 375 -3.53 -34.55 -38.53
N ALA A 376 -3.57 -35.33 -39.62
CA ALA A 376 -3.98 -36.73 -39.52
C ALA A 376 -2.99 -37.55 -38.72
N GLN A 377 -1.74 -37.09 -38.59
CA GLN A 377 -0.72 -37.81 -37.84
C GLN A 377 -0.47 -37.25 -36.45
N ALA A 378 -0.73 -35.97 -36.23
CA ALA A 378 -0.45 -35.31 -34.96
C ALA A 378 -1.76 -34.78 -34.37
N GLN A 379 -2.02 -35.15 -33.13
CA GLN A 379 -3.17 -34.65 -32.40
C GLN A 379 -2.93 -33.21 -31.96
N ALA A 380 -4.00 -32.42 -31.96
CA ALA A 380 -3.91 -31.03 -31.56
C ALA A 380 -3.40 -30.92 -30.12
N GLN A 381 -2.45 -30.01 -29.91
CA GLN A 381 -1.82 -29.83 -28.61
C GLN A 381 -2.04 -28.40 -28.12
N THR A 382 -2.19 -28.26 -26.81
CA THR A 382 -2.36 -26.96 -26.17
C THR A 382 -1.43 -26.87 -24.97
N GLY A 383 -1.08 -25.64 -24.62
CA GLY A 383 -0.22 -25.39 -23.48
C GLY A 383 -0.82 -24.35 -22.55
N TRP A 384 -0.60 -24.58 -21.27
CA TRP A 384 -1.06 -23.72 -20.22
C TRP A 384 -0.29 -22.40 -20.26
N VAL A 385 -1.00 -21.30 -20.39
CA VAL A 385 -0.43 -19.95 -20.33
C VAL A 385 -0.28 -19.56 -18.87
N GLN A 386 0.91 -19.74 -18.29
CA GLN A 386 1.15 -19.48 -16.85
C GLN A 386 1.31 -17.98 -16.53
N ASN A 387 1.75 -17.18 -17.49
CA ASN A 387 1.77 -15.72 -17.41
C ASN A 387 1.34 -15.15 -18.76
N GLN A 388 0.52 -14.10 -18.75
CA GLN A 388 0.05 -13.44 -19.96
C GLN A 388 0.17 -11.92 -19.81
N GLY A 389 0.84 -11.28 -20.77
CA GLY A 389 0.99 -9.85 -20.81
C GLY A 389 -0.25 -9.15 -21.32
N ILE A 390 -0.15 -7.81 -21.40
CA ILE A 390 -1.27 -7.01 -21.86
C ILE A 390 -1.56 -7.30 -23.33
N LEU A 391 -2.84 -7.47 -23.64
CA LEU A 391 -3.33 -7.66 -24.99
C LEU A 391 -4.44 -6.66 -25.28
N PRO A 392 -4.59 -6.25 -26.53
CA PRO A 392 -5.70 -5.34 -26.87
C PRO A 392 -7.04 -5.98 -26.55
N GLY A 393 -7.96 -5.17 -26.05
CA GLY A 393 -9.26 -5.66 -25.61
C GLY A 393 -9.32 -6.14 -24.18
N MET A 394 -8.20 -6.14 -23.47
CA MET A 394 -8.20 -6.56 -22.07
C MET A 394 -8.82 -5.48 -21.18
N VAL A 395 -9.56 -5.93 -20.17
CA VAL A 395 -10.08 -5.06 -19.12
C VAL A 395 -9.79 -5.72 -17.77
N TRP A 396 -9.59 -4.89 -16.75
CA TRP A 396 -9.24 -5.40 -15.44
C TRP A 396 -9.57 -4.36 -14.39
N GLN A 397 -9.60 -4.81 -13.14
CA GLN A 397 -9.79 -3.95 -11.98
C GLN A 397 -8.51 -3.92 -11.16
N ASP A 398 -8.18 -2.74 -10.64
CA ASP A 398 -6.99 -2.61 -9.81
C ASP A 398 -7.24 -3.15 -8.41
N ARG A 399 -6.15 -3.34 -7.67
CA ARG A 399 -6.27 -3.87 -6.32
C ARG A 399 -7.04 -2.90 -5.43
N ASP A 400 -7.90 -3.46 -4.58
CA ASP A 400 -8.70 -2.64 -3.68
C ASP A 400 -7.83 -2.02 -2.60
N VAL A 401 -8.29 -0.88 -2.08
CA VAL A 401 -7.62 -0.20 -0.99
C VAL A 401 -8.34 -0.55 0.31
N TYR A 402 -7.65 -0.38 1.43
CA TYR A 402 -8.14 -0.79 2.73
C TYR A 402 -7.99 0.34 3.73
N LEU A 403 -8.73 0.24 4.83
CA LEU A 403 -8.67 1.26 5.87
C LEU A 403 -7.26 1.39 6.44
N GLN A 404 -6.59 0.26 6.66
CA GLN A 404 -5.22 0.26 7.17
C GLN A 404 -4.19 0.18 6.06
N GLY A 405 -4.59 0.24 4.79
CA GLY A 405 -3.68 0.12 3.69
C GLY A 405 -3.14 1.45 3.22
N PRO A 406 -2.21 1.42 2.26
CA PRO A 406 -1.62 2.66 1.77
C PRO A 406 -2.59 3.47 0.93
N ILE A 407 -2.30 4.76 0.82
CA ILE A 407 -3.13 5.70 0.07
C ILE A 407 -2.56 6.00 -1.31
N TRP A 408 -1.28 6.40 -1.37
CA TRP A 408 -0.68 6.83 -2.62
C TRP A 408 0.72 6.25 -2.73
N ALA A 409 1.35 6.49 -3.89
CA ALA A 409 2.74 6.14 -4.12
C ALA A 409 3.27 7.04 -5.22
N LYS A 410 4.59 7.20 -5.26
CA LYS A 410 5.24 8.02 -6.26
C LYS A 410 5.55 7.16 -7.49
N ILE A 411 5.06 7.60 -8.65
CA ILE A 411 5.39 6.91 -9.90
C ILE A 411 6.88 7.12 -10.18
N PRO A 412 7.66 6.05 -10.38
CA PRO A 412 9.08 6.22 -10.66
C PRO A 412 9.30 7.06 -11.91
N HIS A 413 10.31 7.93 -11.85
CA HIS A 413 10.64 8.81 -12.97
C HIS A 413 11.37 7.98 -14.03
N THR A 414 10.63 7.45 -14.98
CA THR A 414 11.18 6.60 -16.04
C THR A 414 10.63 7.07 -17.38
N ASP A 415 11.27 6.57 -18.45
CA ASP A 415 10.83 6.93 -19.79
C ASP A 415 9.42 6.40 -20.08
N GLY A 416 9.12 5.21 -19.62
CA GLY A 416 7.84 4.59 -19.92
C GLY A 416 7.27 3.85 -18.73
N ASN A 417 5.94 3.78 -18.68
CA ASN A 417 5.22 2.98 -17.72
C ASN A 417 3.84 2.68 -18.28
N PHE A 418 3.21 1.64 -17.74
CA PHE A 418 1.87 1.24 -18.15
C PHE A 418 0.98 1.11 -16.94
N HIS A 419 -0.15 1.84 -16.96
CA HIS A 419 -1.14 1.84 -15.89
C HIS A 419 -0.46 1.99 -14.53
N PRO A 420 0.09 3.16 -14.21
CA PRO A 420 0.91 3.27 -13.01
C PRO A 420 0.12 3.35 -11.71
N SER A 421 -0.87 2.49 -11.57
CA SER A 421 -1.56 2.34 -10.30
C SER A 421 -0.69 1.51 -9.38
N PRO A 422 -0.42 1.96 -8.15
CA PRO A 422 0.47 1.20 -7.25
C PRO A 422 -0.05 -0.21 -7.05
N LEU A 423 0.86 -1.18 -7.16
CA LEU A 423 0.46 -2.59 -7.07
C LEU A 423 -0.02 -2.97 -5.67
N MET A 424 0.42 -2.25 -4.64
CA MET A 424 -0.11 -2.47 -3.30
C MET A 424 -1.43 -1.79 -3.06
N GLY A 425 -1.94 -1.04 -4.04
CA GLY A 425 -3.21 -0.35 -3.90
C GLY A 425 -3.05 1.13 -3.64
N GLY A 426 -3.92 1.93 -4.26
CA GLY A 426 -3.88 3.36 -4.04
C GLY A 426 -3.81 4.17 -5.32
N PHE A 427 -3.35 5.41 -5.21
CA PHE A 427 -3.29 6.35 -6.33
C PHE A 427 -1.84 6.61 -6.69
N GLY A 428 -1.50 6.41 -7.96
CA GLY A 428 -0.16 6.67 -8.45
C GLY A 428 -0.05 8.09 -8.97
N MET A 429 1.00 8.79 -8.54
CA MET A 429 1.19 10.19 -8.90
C MET A 429 2.65 10.45 -9.21
N LYS A 430 2.89 11.24 -10.27
CA LYS A 430 4.24 11.70 -10.56
C LYS A 430 4.72 12.66 -9.49
N HIS A 431 3.81 13.46 -8.92
CA HIS A 431 4.13 14.44 -7.89
C HIS A 431 3.22 14.20 -6.69
N PRO A 432 3.52 13.18 -5.89
CA PRO A 432 2.69 12.88 -4.72
C PRO A 432 2.91 13.93 -3.63
N PRO A 433 2.21 13.83 -2.51
CA PRO A 433 2.49 14.72 -1.38
C PRO A 433 3.97 14.66 -1.01
N PRO A 434 4.61 15.81 -0.85
CA PRO A 434 6.05 15.82 -0.63
C PRO A 434 6.43 15.26 0.74
N GLN A 435 7.64 14.72 0.81
CA GLN A 435 8.17 14.26 2.08
C GLN A 435 8.38 15.43 3.03
N ILE A 436 7.98 15.25 4.28
CA ILE A 436 8.11 16.27 5.31
C ILE A 436 9.15 15.76 6.30
N LEU A 437 10.32 16.42 6.34
CA LEU A 437 11.45 15.97 7.13
C LEU A 437 11.66 16.91 8.31
N ILE A 438 11.93 16.32 9.47
CA ILE A 438 12.04 17.07 10.71
C ILE A 438 13.25 16.55 11.49
N LYS A 439 13.96 17.46 12.15
CA LYS A 439 15.14 17.09 12.93
C LYS A 439 15.33 18.10 14.05
N ASN A 440 15.81 17.62 15.20
CA ASN A 440 16.19 18.48 16.29
C ASN A 440 17.56 19.09 16.01
N THR A 441 17.64 20.42 16.09
CA THR A 441 18.92 21.09 15.88
C THR A 441 19.89 20.68 16.99
N PRO A 442 21.09 20.22 16.65
CA PRO A 442 22.05 19.84 17.70
C PRO A 442 22.41 21.02 18.58
N VAL A 443 22.52 20.77 19.88
CA VAL A 443 22.92 21.78 20.84
C VAL A 443 24.21 21.31 21.51
N PRO A 444 25.35 21.86 21.13
CA PRO A 444 26.62 21.39 21.69
C PRO A 444 26.71 21.61 23.19
N ALA A 445 27.42 20.70 23.86
CA ALA A 445 27.73 20.86 25.27
C ALA A 445 28.84 21.91 25.40
N ASP A 446 29.39 22.04 26.60
CA ASP A 446 30.44 23.03 26.83
C ASP A 446 31.68 22.67 26.02
N PRO A 447 32.16 23.53 25.13
CA PRO A 447 33.37 23.22 24.37
C PRO A 447 34.61 23.49 25.19
N PRO A 448 35.75 22.94 24.81
CA PRO A 448 37.00 23.24 25.53
C PRO A 448 37.39 24.70 25.36
N THR A 449 38.13 25.20 26.34
CA THR A 449 38.58 26.59 26.33
C THR A 449 39.72 26.82 25.35
N ALA A 450 40.29 25.78 24.77
CA ALA A 450 41.32 25.89 23.75
C ALA A 450 40.77 25.37 22.44
N PHE A 451 41.07 26.10 21.36
CA PHE A 451 40.50 25.78 20.05
C PHE A 451 40.92 24.40 19.60
N ASN A 452 39.94 23.64 19.08
CA ASN A 452 40.19 22.34 18.47
C ASN A 452 39.39 22.27 17.17
N LYS A 453 40.07 21.90 16.08
CA LYS A 453 39.45 21.97 14.77
C LYS A 453 38.48 20.83 14.50
N ASP A 454 38.50 19.77 15.30
CA ASP A 454 37.61 18.65 15.07
C ASP A 454 36.16 19.04 15.32
N LYS A 455 35.25 18.42 14.59
CA LYS A 455 33.83 18.67 14.79
C LYS A 455 33.42 18.23 16.19
N LEU A 456 32.48 18.98 16.78
CA LEU A 456 32.05 18.68 18.14
C LEU A 456 31.28 17.36 18.17
N ASN A 457 31.54 16.57 19.20
CA ASN A 457 30.88 15.28 19.40
C ASN A 457 30.19 15.19 20.76
N SER A 458 30.18 16.28 21.53
CA SER A 458 29.52 16.32 22.84
C SER A 458 28.33 17.27 22.70
N PHE A 459 27.13 16.72 22.84
CA PHE A 459 25.90 17.48 22.67
C PHE A 459 24.99 17.25 23.86
N ILE A 460 24.11 18.24 24.12
CA ILE A 460 23.10 18.09 25.15
C ILE A 460 22.03 17.11 24.67
N THR A 461 21.71 16.14 25.52
CA THR A 461 20.69 15.15 25.17
C THR A 461 19.33 15.84 25.09
N GLN A 462 18.69 15.77 23.92
CA GLN A 462 17.44 16.48 23.70
C GLN A 462 16.47 15.62 22.92
N TYR A 463 15.18 15.91 23.10
CA TYR A 463 14.12 15.38 22.27
C TYR A 463 13.01 16.42 22.19
N SER A 464 12.15 16.28 21.19
CA SER A 464 11.10 17.26 20.96
C SER A 464 9.76 16.57 20.85
N THR A 465 8.70 17.33 21.16
CA THR A 465 7.34 16.82 21.07
C THR A 465 6.43 17.96 20.63
N GLY A 466 5.29 17.58 20.05
CA GLY A 466 4.35 18.57 19.58
C GLY A 466 3.16 17.90 18.93
N GLN A 467 2.32 18.71 18.31
CA GLN A 467 1.14 18.23 17.61
C GLN A 467 1.30 18.41 16.12
N VAL A 468 0.69 17.49 15.36
CA VAL A 468 0.71 17.52 13.90
C VAL A 468 -0.71 17.36 13.40
N SER A 469 -1.12 18.21 12.46
CA SER A 469 -2.44 18.18 11.88
C SER A 469 -2.35 18.09 10.36
N VAL A 470 -3.15 17.21 9.77
CA VAL A 470 -3.22 17.07 8.32
C VAL A 470 -4.69 17.04 7.92
N GLU A 471 -5.05 17.88 6.95
CA GLU A 471 -6.42 17.97 6.45
C GLU A 471 -6.40 17.63 4.96
N ILE A 472 -7.25 16.68 4.56
CA ILE A 472 -7.33 16.24 3.17
C ILE A 472 -8.78 16.33 2.71
N GLU A 473 -9.00 16.96 1.57
CA GLU A 473 -10.31 17.03 0.94
C GLU A 473 -10.42 15.91 -0.09
N TRP A 474 -11.48 15.12 0.01
CA TRP A 474 -11.72 13.99 -0.88
C TRP A 474 -12.95 14.26 -1.73
N GLU A 475 -12.85 13.96 -3.03
CA GLU A 475 -13.98 14.06 -3.93
C GLU A 475 -14.70 12.73 -4.00
N LEU A 476 -16.03 12.77 -4.03
CA LEU A 476 -16.86 11.59 -4.00
C LEU A 476 -17.56 11.38 -5.33
N GLN A 477 -17.71 10.11 -5.71
CA GLN A 477 -18.47 9.72 -6.89
C GLN A 477 -19.71 8.97 -6.39
N LYS A 478 -20.86 9.63 -6.44
CA LYS A 478 -22.09 9.05 -5.92
C LYS A 478 -22.60 7.93 -6.83
N GLU A 479 -23.36 7.03 -6.24
CA GLU A 479 -23.92 5.90 -6.99
C GLU A 479 -25.31 6.25 -7.51
N ASN A 480 -25.57 5.89 -8.76
CA ASN A 480 -26.85 6.11 -9.42
C ASN A 480 -27.44 4.81 -9.94
N SER A 481 -27.31 3.75 -9.16
CA SER A 481 -27.75 2.42 -9.59
C SER A 481 -29.27 2.34 -9.66
N LYS A 482 -29.76 1.55 -10.61
CA LYS A 482 -31.17 1.21 -10.73
C LYS A 482 -31.47 -0.17 -10.16
N ARG A 483 -30.52 -0.77 -9.44
CA ARG A 483 -30.72 -2.10 -8.86
C ARG A 483 -31.90 -2.10 -7.92
N TRP A 484 -32.73 -3.13 -8.02
CA TRP A 484 -33.95 -3.21 -7.23
C TRP A 484 -33.70 -3.80 -5.85
N ASN A 485 -33.01 -4.94 -5.79
CA ASN A 485 -32.75 -5.60 -4.52
C ASN A 485 -31.69 -4.86 -3.73
N PRO A 486 -31.71 -4.98 -2.40
CA PRO A 486 -30.73 -4.25 -1.59
C PRO A 486 -29.31 -4.72 -1.84
N GLU A 487 -28.37 -3.80 -1.66
CA GLU A 487 -26.95 -4.05 -1.89
C GLU A 487 -26.31 -4.70 -0.66
N ILE A 488 -25.11 -5.22 -0.86
CA ILE A 488 -24.29 -5.67 0.26
C ILE A 488 -23.65 -4.45 0.92
N GLN A 489 -23.70 -4.39 2.25
CA GLN A 489 -23.18 -3.27 3.01
C GLN A 489 -22.30 -3.78 4.13
N TYR A 490 -21.24 -3.04 4.43
CA TYR A 490 -20.43 -3.36 5.60
C TYR A 490 -21.19 -2.98 6.86
N THR A 491 -21.27 -3.91 7.81
CA THR A 491 -22.02 -3.69 9.03
C THR A 491 -21.35 -4.40 10.19
N SER A 492 -21.46 -3.79 11.37
CA SER A 492 -21.04 -4.46 12.59
C SER A 492 -22.05 -5.52 12.99
N ASN A 493 -21.59 -6.50 13.76
CA ASN A 493 -22.44 -7.61 14.20
C ASN A 493 -23.02 -7.28 15.57
N TYR A 494 -24.34 -7.43 15.69
CA TYR A 494 -25.03 -7.08 16.93
C TYR A 494 -24.70 -8.05 18.06
N TYR A 495 -24.29 -9.28 17.72
CA TYR A 495 -24.13 -10.32 18.72
C TYR A 495 -23.13 -9.89 19.80
N LYS A 496 -23.44 -10.25 21.04
CA LYS A 496 -22.68 -9.79 22.19
C LYS A 496 -21.24 -10.27 22.12
N SER A 497 -20.33 -9.41 22.60
CA SER A 497 -18.91 -9.72 22.63
C SER A 497 -18.28 -9.00 23.80
N ASN A 498 -17.10 -9.49 24.21
CA ASN A 498 -16.41 -8.89 25.35
C ASN A 498 -15.98 -7.46 25.05
N ASN A 499 -15.66 -7.15 23.79
CA ASN A 499 -15.19 -5.83 23.41
C ASN A 499 -15.92 -5.36 22.16
N VAL A 500 -16.01 -4.04 22.02
CA VAL A 500 -16.57 -3.43 20.82
C VAL A 500 -15.51 -3.38 19.74
N GLU A 501 -15.86 -3.82 18.54
CA GLU A 501 -14.92 -3.80 17.43
C GLU A 501 -14.51 -2.37 17.10
N PHE A 502 -13.22 -2.19 16.79
CA PHE A 502 -12.64 -0.87 16.54
C PHE A 502 -12.82 0.05 17.75
N ALA A 503 -12.44 -0.45 18.92
CA ALA A 503 -12.49 0.30 20.16
C ALA A 503 -11.31 -0.12 21.03
N VAL A 504 -11.23 0.45 22.22
CA VAL A 504 -10.14 0.16 23.14
C VAL A 504 -10.52 -1.01 24.03
N ASN A 505 -9.50 -1.71 24.52
CA ASN A 505 -9.69 -2.83 25.44
C ASN A 505 -9.73 -2.30 26.87
N THR A 506 -9.78 -3.22 27.84
CA THR A 506 -9.77 -2.81 29.24
C THR A 506 -8.42 -2.20 29.64
N GLU A 507 -7.37 -2.42 28.87
CA GLU A 507 -6.07 -1.83 29.10
C GLU A 507 -5.82 -0.59 28.23
N GLY A 508 -6.83 -0.11 27.52
CA GLY A 508 -6.68 1.06 26.69
C GLY A 508 -6.00 0.83 25.37
N VAL A 509 -5.90 -0.41 24.91
CA VAL A 509 -5.23 -0.74 23.66
C VAL A 509 -6.26 -0.71 22.54
N TYR A 510 -6.02 0.14 21.54
CA TYR A 510 -6.87 0.21 20.37
C TYR A 510 -6.46 -0.86 19.36
N SER A 511 -7.45 -1.52 18.76
CA SER A 511 -7.18 -2.59 17.82
C SER A 511 -8.13 -2.49 16.62
N GLU A 512 -7.63 -2.91 15.47
CA GLU A 512 -8.43 -3.04 14.26
C GLU A 512 -8.65 -4.52 13.98
N PRO A 513 -9.86 -5.05 14.22
CA PRO A 513 -10.04 -6.51 14.21
C PRO A 513 -10.03 -7.14 12.83
N ARG A 514 -10.23 -6.39 11.76
CA ARG A 514 -10.30 -6.97 10.43
C ARG A 514 -9.95 -5.89 9.41
N PRO A 515 -9.42 -6.28 8.25
CA PRO A 515 -9.26 -5.32 7.16
C PRO A 515 -10.60 -5.02 6.51
N ILE A 516 -10.80 -3.75 6.16
CA ILE A 516 -12.03 -3.30 5.52
C ILE A 516 -11.70 -2.79 4.14
N GLY A 517 -12.30 -3.41 3.12
CA GLY A 517 -12.15 -2.95 1.76
C GLY A 517 -13.09 -1.81 1.46
N THR A 518 -13.28 -1.55 0.16
CA THR A 518 -14.16 -0.49 -0.29
C THR A 518 -15.25 -0.97 -1.24
N ARG A 519 -15.25 -2.23 -1.63
CA ARG A 519 -16.09 -2.72 -2.72
C ARG A 519 -17.24 -3.53 -2.16
N TYR A 520 -18.32 -2.83 -1.82
CA TYR A 520 -19.57 -3.43 -1.38
C TYR A 520 -20.74 -3.10 -2.30
N LEU A 521 -20.82 -1.86 -2.78
CA LEU A 521 -21.82 -1.51 -3.77
C LEU A 521 -21.50 -2.17 -5.11
N THR A 522 -22.50 -2.24 -5.97
CA THR A 522 -22.37 -2.94 -7.25
C THR A 522 -22.78 -2.05 -8.40
N ARG A 523 -22.20 -2.33 -9.56
CA ARG A 523 -22.59 -1.68 -10.81
C ARG A 523 -22.33 -2.65 -11.96
N ASN A 524 -22.99 -2.40 -13.08
CA ASN A 524 -22.89 -3.28 -14.23
C ASN A 524 -21.50 -3.17 -14.86
N LEU A 525 -21.15 -4.20 -15.63
CA LEU A 525 -19.84 -4.25 -16.29
C LEU A 525 -19.92 -3.70 -17.70
#